data_4K8B
#
_entry.id   4K8B
#
_cell.length_a   76.182
_cell.length_b   76.182
_cell.length_c   169.206
_cell.angle_alpha   90.00
_cell.angle_beta   90.00
_cell.angle_gamma   120.00
#
_symmetry.space_group_name_H-M   'P 32 2 1'
#
loop_
_entity.id
_entity.type
_entity.pdbx_description
1 polymer 'NS3 protease'
2 polymer 'Nonstructural protein'
3 non-polymer 'ZINC ION'
4 non-polymer N-(tert-butylcarbamoyl)-3-methyl-L-valyl-(4R)-N-[(1R,2S)-1-carboxy-2-ethenylcyclopropyl]-4-[(7-methoxy-2-phenylquinolin-4-yl)oxy]-L-prolinamide
5 non-polymer 'SULFATE ION'
6 water water
#
loop_
_entity_poly.entity_id
_entity_poly.type
_entity_poly.pdbx_seq_one_letter_code
_entity_poly.pdbx_strand_id
1 'polypeptide(L)'
;APITAYSQQTRGLLGCIITSLTGRDKNQVEGEVQVVSTATQSFLATCVNGVCWTVYHGAGSKTLAGPKGPITQMYTNVDQ
DLVGWQAPPGARSLTPCTCGSSDLYLVTRHADVIPVRRRGDSRGSLLSPRPVSYLKGSSGGPLLCPSGHAVGIFRAAVCT
RGVAKAVDFVPVESMETTMRS
;
A,B
2 'polypeptide(L)' GSVVIVGRIILS C,D
#
loop_
_chem_comp.id
_chem_comp.type
_chem_comp.name
_chem_comp.formula
1RR non-polymer N-(tert-butylcarbamoyl)-3-methyl-L-valyl-(4R)-N-[(1R,2S)-1-carboxy-2-ethenylcyclopropyl]-4-[(7-methoxy-2-phenylquinolin-4-yl)oxy]-L-prolinamide 'C38 H47 N5 O7'
SO4 non-polymer 'SULFATE ION' 'O4 S -2'
ZN non-polymer 'ZINC ION' 'Zn 2'
#
# COMPACT_ATOMS: atom_id res chain seq x y z
N ILE A 3 29.85 10.03 -4.91
CA ILE A 3 28.44 10.15 -4.53
C ILE A 3 28.26 9.84 -3.02
N THR A 4 28.73 10.76 -2.15
CA THR A 4 28.66 10.62 -0.69
C THR A 4 27.55 11.47 -0.08
N ALA A 5 27.09 11.10 1.14
CA ALA A 5 26.02 11.78 1.87
C ALA A 5 26.27 11.85 3.37
N TYR A 6 25.75 12.89 4.04
CA TYR A 6 25.84 13.03 5.50
C TYR A 6 24.55 13.58 6.10
N SER A 7 24.20 13.07 7.28
CA SER A 7 22.98 13.46 7.99
C SER A 7 23.23 14.60 9.00
N GLN A 8 22.25 15.50 9.13
CA GLN A 8 22.25 16.63 10.06
C GLN A 8 20.90 16.64 10.78
N GLN A 9 20.90 16.79 12.11
CA GLN A 9 19.68 16.86 12.90
C GLN A 9 19.32 18.33 13.05
N THR A 10 18.05 18.65 12.81
CA THR A 10 17.51 19.99 12.78
C THR A 10 16.78 20.32 14.07
N ARG A 11 16.16 19.32 14.71
CA ARG A 11 15.43 19.47 15.97
C ARG A 11 15.21 18.14 16.69
N GLY A 12 14.70 18.22 17.92
CA GLY A 12 14.34 17.07 18.76
C GLY A 12 12.89 16.65 18.59
N LEU A 13 12.39 15.80 19.51
CA LEU A 13 11.02 15.26 19.48
C LEU A 13 9.99 16.29 19.97
N LEU A 14 10.30 17.01 21.05
CA LEU A 14 9.44 18.04 21.64
C LEU A 14 9.13 19.13 20.63
N GLY A 15 10.15 19.53 19.88
CA GLY A 15 10.07 20.53 18.83
C GLY A 15 9.24 20.02 17.69
N CYS A 16 9.46 18.74 17.30
CA CYS A 16 8.72 18.06 16.23
C CYS A 16 7.21 18.03 16.54
N ILE A 17 6.82 17.71 17.79
CA ILE A 17 5.42 17.66 18.26
C ILE A 17 4.74 19.04 18.18
N ILE A 18 5.38 20.08 18.74
CA ILE A 18 4.82 21.43 18.72
C ILE A 18 4.69 21.97 17.27
N THR A 19 5.74 21.74 16.44
CA THR A 19 5.74 22.15 15.03
C THR A 19 4.66 21.41 14.25
N SER A 20 4.37 20.14 14.62
CA SER A 20 3.34 19.31 14.01
C SER A 20 1.98 19.92 14.30
N LEU A 21 1.83 20.45 15.50
CA LEU A 21 0.61 21.07 15.98
C LEU A 21 0.35 22.43 15.35
N THR A 22 1.38 23.30 15.28
CA THR A 22 1.16 24.65 14.74
C THR A 22 1.23 24.68 13.22
N GLY A 23 2.07 23.85 12.63
CA GLY A 23 2.25 23.82 11.18
C GLY A 23 3.19 24.91 10.73
N ARG A 24 3.72 25.70 11.71
CA ARG A 24 4.66 26.79 11.48
C ARG A 24 6.06 26.35 11.91
N ASP A 25 6.98 26.32 10.93
CA ASP A 25 8.36 25.89 11.02
C ASP A 25 9.30 26.98 10.52
N LYS A 26 9.96 27.72 11.45
CA LYS A 26 10.91 28.79 11.09
C LYS A 26 12.38 28.30 11.06
N ASN A 27 12.60 26.96 11.01
CA ASN A 27 13.93 26.34 10.93
C ASN A 27 14.51 26.57 9.55
N GLN A 28 15.85 26.70 9.47
CA GLN A 28 16.58 26.87 8.22
C GLN A 28 16.55 25.52 7.48
N VAL A 29 16.09 25.54 6.22
CA VAL A 29 15.99 24.35 5.36
C VAL A 29 17.20 24.39 4.44
N GLU A 30 17.83 23.24 4.23
CA GLU A 30 19.02 23.06 3.40
C GLU A 30 18.99 21.61 2.92
N GLY A 31 19.78 21.27 1.91
CA GLY A 31 19.85 19.91 1.40
C GLY A 31 18.71 19.53 0.49
N GLU A 32 18.81 18.33 -0.12
CA GLU A 32 17.80 17.86 -1.06
C GLU A 32 16.88 16.82 -0.45
N VAL A 33 17.39 16.05 0.51
CA VAL A 33 16.67 15.00 1.21
C VAL A 33 16.35 15.51 2.61
N GLN A 34 15.05 15.65 2.89
CA GLN A 34 14.54 16.12 4.17
C GLN A 34 14.11 14.95 5.03
N VAL A 35 14.63 14.86 6.26
CA VAL A 35 14.24 13.81 7.23
C VAL A 35 12.94 14.31 7.84
N VAL A 36 11.85 13.65 7.49
CA VAL A 36 10.53 14.09 7.89
C VAL A 36 9.93 13.17 8.93
N SER A 37 9.14 13.75 9.82
CA SER A 37 8.57 13.00 10.91
C SER A 37 7.19 13.51 11.33
N THR A 38 6.46 12.60 11.96
CA THR A 38 5.18 12.74 12.61
C THR A 38 5.53 12.50 14.11
N ALA A 39 4.60 12.78 15.05
CA ALA A 39 4.87 12.51 16.47
C ALA A 39 5.09 10.98 16.70
N THR A 40 4.58 10.14 15.75
CA THR A 40 4.62 8.67 15.75
C THR A 40 5.69 8.06 14.79
N GLN A 41 5.67 8.40 13.50
CA GLN A 41 6.52 7.82 12.45
C GLN A 41 7.58 8.78 11.91
N SER A 42 8.68 8.23 11.34
CA SER A 42 9.72 9.00 10.65
C SER A 42 10.16 8.33 9.35
N PHE A 43 10.35 9.16 8.32
CA PHE A 43 10.71 8.75 6.97
C PHE A 43 11.46 9.88 6.27
N LEU A 44 11.58 9.82 4.93
CA LEU A 44 12.30 10.84 4.18
C LEU A 44 11.44 11.48 3.09
N ALA A 45 11.85 12.68 2.65
CA ALA A 45 11.17 13.44 1.61
C ALA A 45 12.24 14.01 0.69
N THR A 46 12.13 13.73 -0.60
CA THR A 46 13.11 14.19 -1.59
C THR A 46 12.56 15.36 -2.40
N CYS A 47 13.37 16.42 -2.56
CA CYS A 47 12.97 17.58 -3.35
C CYS A 47 13.41 17.40 -4.79
N VAL A 48 12.43 17.36 -5.70
CA VAL A 48 12.64 17.22 -7.14
C VAL A 48 11.80 18.31 -7.79
N ASN A 49 12.47 19.21 -8.53
CA ASN A 49 11.87 20.33 -9.27
C ASN A 49 10.92 21.21 -8.43
N GLY A 50 11.41 21.64 -7.27
CA GLY A 50 10.65 22.49 -6.35
C GLY A 50 9.52 21.82 -5.59
N VAL A 51 9.40 20.48 -5.71
CA VAL A 51 8.36 19.70 -5.02
C VAL A 51 9.04 18.76 -4.03
N CYS A 52 8.53 18.73 -2.81
CA CYS A 52 9.01 17.88 -1.73
C CYS A 52 8.17 16.61 -1.78
N TRP A 53 8.74 15.52 -2.36
CA TRP A 53 8.05 14.23 -2.55
C TRP A 53 8.29 13.23 -1.46
N THR A 54 7.23 12.50 -1.07
CA THR A 54 7.33 11.42 -0.09
C THR A 54 6.23 10.35 -0.32
N VAL A 55 6.23 9.32 0.54
CA VAL A 55 5.29 8.21 0.48
C VAL A 55 3.94 8.56 1.12
N TYR A 56 2.85 8.01 0.60
CA TYR A 56 1.53 8.24 1.17
C TYR A 56 1.39 7.44 2.47
N HIS A 57 2.03 6.24 2.57
CA HIS A 57 1.90 5.40 3.76
C HIS A 57 2.56 6.02 5.02
N GLY A 58 3.41 7.02 4.81
CA GLY A 58 4.05 7.76 5.88
C GLY A 58 3.36 9.10 6.14
N ALA A 59 3.22 9.90 5.07
CA ALA A 59 2.68 11.26 5.16
C ALA A 59 1.15 11.38 5.15
N GLY A 60 0.45 10.43 4.54
CA GLY A 60 -1.00 10.50 4.38
C GLY A 60 -1.38 11.73 3.59
N SER A 61 -2.51 12.36 3.93
CA SER A 61 -2.98 13.59 3.30
C SER A 61 -2.55 14.79 4.17
N LYS A 62 -1.64 14.55 5.12
CA LYS A 62 -1.16 15.57 6.05
C LYS A 62 -0.42 16.70 5.34
N THR A 63 -0.54 17.88 5.91
CA THR A 63 0.10 19.10 5.46
C THR A 63 1.58 19.08 5.96
N LEU A 64 2.43 19.99 5.46
CA LEU A 64 3.85 20.01 5.87
C LEU A 64 4.16 21.33 6.57
N ALA A 65 4.85 21.26 7.71
CA ALA A 65 5.23 22.42 8.53
C ALA A 65 6.15 23.39 7.75
N GLY A 66 5.69 24.62 7.57
CA GLY A 66 6.42 25.63 6.80
C GLY A 66 6.59 26.99 7.46
N PRO A 67 7.37 27.90 6.84
CA PRO A 67 7.60 29.22 7.46
C PRO A 67 6.38 30.13 7.58
N LYS A 68 5.50 30.10 6.56
CA LYS A 68 4.28 30.90 6.52
C LYS A 68 3.07 30.06 6.96
N GLY A 69 3.34 28.93 7.61
CA GLY A 69 2.30 28.05 8.10
C GLY A 69 2.27 26.71 7.40
N PRO A 70 1.17 25.93 7.55
CA PRO A 70 1.11 24.59 6.93
C PRO A 70 1.00 24.60 5.40
N ILE A 71 1.97 23.93 4.74
CA ILE A 71 2.05 23.78 3.30
C ILE A 71 1.12 22.62 2.90
N THR A 72 0.01 22.96 2.24
CA THR A 72 -1.00 22.01 1.77
C THR A 72 -0.43 21.21 0.61
N GLN A 73 -0.77 19.92 0.56
CA GLN A 73 -0.33 18.98 -0.46
C GLN A 73 -0.72 19.43 -1.87
N MET A 74 0.29 19.57 -2.73
CA MET A 74 0.15 19.98 -4.12
C MET A 74 -0.31 18.78 -4.95
N TYR A 75 0.19 17.57 -4.60
CA TYR A 75 -0.10 16.32 -5.29
C TYR A 75 -0.33 15.20 -4.30
N THR A 76 -1.37 14.40 -4.54
CA THR A 76 -1.76 13.26 -3.71
C THR A 76 -2.18 12.11 -4.61
N ASN A 77 -1.31 11.08 -4.71
CA ASN A 77 -1.59 9.88 -5.48
C ASN A 77 -1.52 8.69 -4.56
N VAL A 78 -2.70 8.25 -4.05
CA VAL A 78 -2.83 7.11 -3.13
C VAL A 78 -2.46 5.83 -3.87
N ASP A 79 -2.88 5.73 -5.15
CA ASP A 79 -2.62 4.60 -6.06
C ASP A 79 -1.12 4.41 -6.34
N GLN A 80 -0.34 5.50 -6.39
CA GLN A 80 1.10 5.39 -6.59
C GLN A 80 1.89 5.47 -5.27
N ASP A 81 1.18 5.72 -4.13
CA ASP A 81 1.73 5.87 -2.77
C ASP A 81 2.73 7.04 -2.75
N LEU A 82 2.31 8.16 -3.37
CA LEU A 82 3.14 9.34 -3.53
C LEU A 82 2.36 10.61 -3.25
N VAL A 83 2.98 11.52 -2.50
CA VAL A 83 2.45 12.83 -2.15
C VAL A 83 3.54 13.87 -2.42
N GLY A 84 3.12 15.09 -2.66
CA GLY A 84 4.05 16.19 -2.90
C GLY A 84 3.56 17.50 -2.31
N TRP A 85 4.50 18.31 -1.81
CA TRP A 85 4.26 19.66 -1.31
C TRP A 85 5.16 20.64 -2.06
N GLN A 86 4.72 21.90 -2.22
CA GLN A 86 5.57 22.96 -2.75
C GLN A 86 6.72 23.05 -1.72
N ALA A 87 7.97 22.78 -2.16
CA ALA A 87 9.15 22.77 -1.30
C ALA A 87 9.31 24.06 -0.45
N PRO A 88 9.65 23.92 0.85
CA PRO A 88 9.81 25.12 1.68
C PRO A 88 11.07 25.92 1.31
N PRO A 89 11.09 27.28 1.50
CA PRO A 89 12.30 28.05 1.16
C PRO A 89 13.55 27.54 1.86
N GLY A 90 14.61 27.40 1.08
CA GLY A 90 15.91 26.90 1.53
C GLY A 90 16.22 25.49 1.06
N ALA A 91 15.17 24.73 0.69
CA ALA A 91 15.32 23.35 0.21
C ALA A 91 15.94 23.36 -1.17
N ARG A 92 17.14 22.76 -1.29
CA ARG A 92 17.88 22.63 -2.55
C ARG A 92 17.25 21.46 -3.30
N SER A 93 17.04 21.59 -4.63
CA SER A 93 16.33 20.57 -5.41
C SER A 93 17.19 19.65 -6.26
N LEU A 94 16.68 18.44 -6.47
CA LEU A 94 17.24 17.39 -7.32
C LEU A 94 16.58 17.51 -8.71
N THR A 95 17.22 16.95 -9.74
CA THR A 95 16.75 17.04 -11.13
C THR A 95 16.44 15.63 -11.67
N PRO A 96 15.38 15.42 -12.48
CA PRO A 96 15.13 14.08 -13.02
C PRO A 96 16.30 13.51 -13.83
N CYS A 97 16.45 12.18 -13.78
CA CYS A 97 17.50 11.48 -14.50
C CYS A 97 17.14 11.28 -15.94
N THR A 98 18.11 11.51 -16.83
CA THR A 98 17.93 11.28 -18.26
C THR A 98 18.94 10.23 -18.75
N CYS A 99 20.01 9.94 -17.95
CA CYS A 99 21.07 8.94 -18.13
C CYS A 99 20.59 7.67 -18.80
N GLY A 100 19.56 7.06 -18.21
CA GLY A 100 19.05 5.76 -18.59
C GLY A 100 19.94 4.69 -17.98
N SER A 101 20.82 5.10 -17.04
CA SER A 101 21.80 4.28 -16.32
C SER A 101 21.14 3.28 -15.38
N SER A 102 21.59 2.01 -15.42
CA SER A 102 21.09 0.94 -14.57
C SER A 102 21.78 0.93 -13.20
N ASP A 103 22.95 1.61 -13.09
CA ASP A 103 23.71 1.75 -11.84
C ASP A 103 23.04 2.82 -10.97
N LEU A 104 22.19 2.38 -10.05
CA LEU A 104 21.43 3.22 -9.13
C LEU A 104 22.06 3.27 -7.74
N TYR A 105 21.66 4.26 -6.92
CA TYR A 105 22.16 4.46 -5.56
C TYR A 105 21.05 4.95 -4.67
N LEU A 106 20.68 4.13 -3.67
CA LEU A 106 19.65 4.48 -2.69
C LEU A 106 20.29 5.19 -1.52
N VAL A 107 19.72 6.36 -1.16
CA VAL A 107 20.17 7.17 -0.03
C VAL A 107 19.21 6.91 1.12
N THR A 108 19.77 6.48 2.27
CA THR A 108 19.02 6.12 3.46
C THR A 108 19.00 7.23 4.52
N ARG A 109 18.12 7.07 5.54
CA ARG A 109 17.99 8.03 6.63
C ARG A 109 19.25 8.16 7.47
N HIS A 110 20.11 7.14 7.48
CA HIS A 110 21.40 7.17 8.20
C HIS A 110 22.55 7.57 7.27
N ALA A 111 22.21 8.27 6.18
CA ALA A 111 23.09 8.80 5.15
C ALA A 111 24.01 7.76 4.50
N ASP A 112 23.48 6.55 4.24
CA ASP A 112 24.25 5.49 3.58
C ASP A 112 23.86 5.50 2.11
N VAL A 113 24.87 5.46 1.22
CA VAL A 113 24.64 5.46 -0.24
C VAL A 113 24.79 4.00 -0.72
N ILE A 114 23.70 3.23 -0.63
CA ILE A 114 23.74 1.82 -0.95
C ILE A 114 23.48 1.59 -2.46
N PRO A 115 24.43 0.90 -3.15
CA PRO A 115 24.29 0.67 -4.60
C PRO A 115 23.19 -0.32 -4.99
N VAL A 116 22.32 0.15 -5.88
CA VAL A 116 21.18 -0.60 -6.43
C VAL A 116 21.41 -0.78 -7.96
N ARG A 117 20.89 -1.86 -8.55
CA ARG A 117 21.01 -2.12 -9.99
C ARG A 117 19.60 -2.23 -10.55
N ARG A 118 19.18 -1.23 -11.35
CA ARG A 118 17.84 -1.16 -11.97
C ARG A 118 17.50 -2.44 -12.72
N ARG A 119 16.37 -3.06 -12.37
CA ARG A 119 15.90 -4.29 -12.98
C ARG A 119 14.41 -4.21 -13.40
N GLY A 120 14.02 -3.03 -13.85
CA GLY A 120 12.67 -2.70 -14.28
C GLY A 120 12.34 -1.22 -14.09
N ASP A 121 11.09 -0.83 -14.42
CA ASP A 121 10.64 0.55 -14.27
C ASP A 121 10.62 1.01 -12.81
N SER A 122 10.03 0.18 -11.90
CA SER A 122 9.87 0.45 -10.47
C SER A 122 10.73 -0.43 -9.55
N ARG A 123 11.56 -1.32 -10.11
CA ARG A 123 12.39 -2.23 -9.33
C ARG A 123 13.89 -2.03 -9.55
N GLY A 124 14.66 -2.42 -8.55
CA GLY A 124 16.12 -2.37 -8.56
C GLY A 124 16.68 -3.31 -7.53
N SER A 125 17.63 -4.17 -7.94
CA SER A 125 18.26 -5.15 -7.06
C SER A 125 19.34 -4.56 -6.17
N LEU A 126 19.47 -5.09 -4.95
CA LEU A 126 20.50 -4.67 -4.01
C LEU A 126 21.76 -5.48 -4.29
N LEU A 127 22.90 -4.79 -4.54
CA LEU A 127 24.21 -5.40 -4.81
C LEU A 127 24.70 -6.23 -3.62
N SER A 128 24.37 -5.77 -2.41
CA SER A 128 24.66 -6.45 -1.15
C SER A 128 23.35 -6.43 -0.34
N PRO A 129 22.66 -7.59 -0.19
CA PRO A 129 21.38 -7.61 0.54
C PRO A 129 21.51 -7.14 1.99
N ARG A 130 20.58 -6.29 2.41
CA ARG A 130 20.53 -5.70 3.74
C ARG A 130 19.28 -6.19 4.48
N PRO A 131 19.27 -6.27 5.83
CA PRO A 131 18.03 -6.69 6.52
C PRO A 131 16.95 -5.60 6.40
N VAL A 132 15.67 -6.00 6.55
CA VAL A 132 14.54 -5.08 6.45
C VAL A 132 14.70 -3.85 7.39
N SER A 133 15.28 -4.05 8.58
CA SER A 133 15.50 -3.01 9.58
C SER A 133 16.40 -1.87 9.07
N TYR A 134 17.44 -2.21 8.29
CA TYR A 134 18.39 -1.26 7.71
C TYR A 134 17.69 -0.24 6.81
N LEU A 135 16.63 -0.67 6.14
CA LEU A 135 15.89 0.16 5.21
C LEU A 135 14.66 0.81 5.83
N LYS A 136 14.22 0.37 7.01
CA LYS A 136 13.06 0.95 7.68
C LYS A 136 13.23 2.44 7.87
N GLY A 137 12.18 3.21 7.56
CA GLY A 137 12.18 4.67 7.71
C GLY A 137 12.96 5.42 6.66
N SER A 138 13.26 4.77 5.51
CA SER A 138 13.98 5.39 4.39
C SER A 138 13.10 5.59 3.17
N SER A 139 11.78 5.34 3.33
CA SER A 139 10.75 5.55 2.31
C SER A 139 10.69 7.04 2.06
N GLY A 140 10.60 7.41 0.78
CA GLY A 140 10.65 8.80 0.35
C GLY A 140 12.09 9.21 0.03
N GLY A 141 13.03 8.34 0.37
CA GLY A 141 14.46 8.50 0.11
C GLY A 141 14.76 8.39 -1.37
N PRO A 142 15.82 9.03 -1.88
CA PRO A 142 16.05 8.98 -3.31
C PRO A 142 16.86 7.82 -3.87
N LEU A 143 16.56 7.48 -5.13
CA LEU A 143 17.30 6.54 -5.95
C LEU A 143 17.96 7.40 -7.01
N LEU A 144 19.28 7.53 -6.89
CA LEU A 144 20.14 8.40 -7.69
C LEU A 144 20.88 7.63 -8.76
N CYS A 145 21.12 8.28 -9.89
CA CYS A 145 21.93 7.75 -10.99
C CYS A 145 23.40 8.08 -10.63
N PRO A 146 24.45 7.63 -11.37
CA PRO A 146 25.83 7.99 -10.97
C PRO A 146 26.14 9.50 -10.98
N SER A 147 25.32 10.30 -11.71
CA SER A 147 25.44 11.74 -11.84
C SER A 147 24.72 12.51 -10.71
N GLY A 148 23.99 11.79 -9.87
CA GLY A 148 23.26 12.38 -8.76
C GLY A 148 21.91 12.97 -9.13
N HIS A 149 21.27 12.42 -10.18
CA HIS A 149 19.96 12.86 -10.64
C HIS A 149 18.91 11.88 -10.19
N ALA A 150 17.71 12.38 -9.88
CA ALA A 150 16.58 11.58 -9.38
C ALA A 150 16.03 10.56 -10.40
N VAL A 151 16.09 9.27 -10.04
CA VAL A 151 15.61 8.13 -10.82
C VAL A 151 14.20 7.75 -10.29
N GLY A 152 14.05 7.88 -8.97
CA GLY A 152 12.79 7.61 -8.30
C GLY A 152 12.83 7.95 -6.84
N ILE A 153 11.80 7.49 -6.09
CA ILE A 153 11.65 7.65 -4.64
C ILE A 153 11.36 6.26 -4.02
N PHE A 154 12.16 5.83 -3.00
CA PHE A 154 12.04 4.54 -2.32
C PHE A 154 10.66 4.39 -1.68
N ARG A 155 9.94 3.33 -2.08
CA ARG A 155 8.56 3.08 -1.67
C ARG A 155 8.39 1.86 -0.75
N ALA A 156 8.86 0.69 -1.20
CA ALA A 156 8.70 -0.56 -0.50
C ALA A 156 9.92 -1.46 -0.69
N ALA A 157 10.10 -2.45 0.22
CA ALA A 157 11.21 -3.39 0.14
C ALA A 157 10.76 -4.74 -0.37
N VAL A 158 11.54 -5.31 -1.31
CA VAL A 158 11.28 -6.63 -1.89
C VAL A 158 12.16 -7.61 -1.10
N CYS A 159 11.57 -8.26 -0.11
CA CYS A 159 12.33 -9.16 0.77
C CYS A 159 11.79 -10.56 0.83
N THR A 160 12.65 -11.48 1.28
CA THR A 160 12.33 -12.88 1.49
C THR A 160 12.80 -13.20 2.89
N ARG A 161 11.83 -13.41 3.79
CA ARG A 161 11.97 -13.73 5.21
C ARG A 161 12.99 -12.78 5.94
N GLY A 162 12.68 -11.49 5.93
CA GLY A 162 13.45 -10.47 6.65
C GLY A 162 14.68 -9.86 6.02
N VAL A 163 15.18 -10.45 4.94
CA VAL A 163 16.35 -9.91 4.24
C VAL A 163 15.93 -9.28 2.90
N ALA A 164 16.10 -7.95 2.77
CA ALA A 164 15.74 -7.21 1.56
C ALA A 164 16.76 -7.45 0.45
N LYS A 165 16.31 -8.07 -0.64
CA LYS A 165 17.17 -8.38 -1.79
C LYS A 165 17.05 -7.36 -2.92
N ALA A 166 15.96 -6.56 -2.91
CA ALA A 166 15.68 -5.53 -3.91
C ALA A 166 14.81 -4.40 -3.32
N VAL A 167 14.67 -3.29 -4.07
CA VAL A 167 13.87 -2.13 -3.67
C VAL A 167 12.80 -1.78 -4.73
N ASP A 168 11.60 -1.42 -4.26
CA ASP A 168 10.49 -0.95 -5.07
C ASP A 168 10.39 0.58 -4.88
N PHE A 169 10.41 1.32 -5.99
CA PHE A 169 10.39 2.77 -5.96
C PHE A 169 9.43 3.37 -6.94
N VAL A 170 8.96 4.61 -6.67
CA VAL A 170 8.07 5.39 -7.52
C VAL A 170 8.99 6.01 -8.58
N PRO A 171 8.85 5.71 -9.89
CA PRO A 171 9.77 6.31 -10.87
C PRO A 171 9.43 7.78 -11.21
N VAL A 172 10.47 8.64 -11.39
CA VAL A 172 10.35 10.08 -11.72
C VAL A 172 9.37 10.35 -12.86
N GLU A 173 9.28 9.44 -13.84
CA GLU A 173 8.35 9.57 -14.96
C GLU A 173 6.92 9.75 -14.44
N SER A 174 6.55 9.01 -13.40
CA SER A 174 5.26 9.09 -12.74
C SER A 174 5.13 10.35 -11.89
N MET A 175 6.26 10.92 -11.44
CA MET A 175 6.24 12.17 -10.67
C MET A 175 6.05 13.34 -11.65
N GLU A 176 6.48 13.15 -12.90
CA GLU A 176 6.35 14.15 -13.95
C GLU A 176 4.94 14.08 -14.52
N THR A 177 4.36 12.85 -14.55
CA THR A 177 3.01 12.58 -15.04
C THR A 177 1.99 13.24 -14.10
N THR A 178 2.25 13.14 -12.76
CA THR A 178 1.44 13.72 -11.67
C THR A 178 1.40 15.26 -11.82
N MET A 179 2.56 15.88 -12.18
CA MET A 179 2.72 17.34 -12.38
C MET A 179 2.11 17.87 -13.70
N ILE B 3 -30.54 -10.24 3.76
CA ILE B 3 -29.28 -10.91 3.41
C ILE B 3 -28.57 -11.41 4.67
N THR B 4 -28.10 -12.67 4.64
CA THR B 4 -27.37 -13.29 5.74
C THR B 4 -26.18 -14.12 5.25
N ALA B 5 -25.15 -14.24 6.11
CA ALA B 5 -23.92 -14.98 5.82
C ALA B 5 -23.46 -15.83 7.01
N TYR B 6 -22.77 -16.95 6.73
CA TYR B 6 -22.19 -17.80 7.77
C TYR B 6 -20.81 -18.30 7.38
N SER B 7 -19.90 -18.40 8.36
CA SER B 7 -18.54 -18.86 8.14
C SER B 7 -18.36 -20.36 8.38
N GLN B 8 -17.52 -21.01 7.56
CA GLN B 8 -17.16 -22.42 7.65
C GLN B 8 -15.63 -22.55 7.56
N GLN B 9 -15.05 -23.35 8.46
CA GLN B 9 -13.62 -23.60 8.47
C GLN B 9 -13.34 -24.86 7.64
N THR B 10 -12.35 -24.78 6.76
CA THR B 10 -12.00 -25.89 5.87
C THR B 10 -10.72 -26.59 6.29
N ARG B 11 -9.83 -25.87 7.01
CA ARG B 11 -8.59 -26.44 7.55
C ARG B 11 -8.01 -25.63 8.71
N GLY B 12 -6.99 -26.17 9.36
CA GLY B 12 -6.27 -25.52 10.44
C GLY B 12 -5.04 -24.76 9.95
N LEU B 13 -4.15 -24.40 10.88
CA LEU B 13 -2.94 -23.64 10.57
C LEU B 13 -1.83 -24.54 10.02
N LEU B 14 -1.67 -25.75 10.58
CA LEU B 14 -0.67 -26.73 10.13
C LEU B 14 -0.88 -27.11 8.65
N GLY B 15 -2.15 -27.28 8.28
CA GLY B 15 -2.56 -27.62 6.93
C GLY B 15 -2.32 -26.45 6.02
N CYS B 16 -2.63 -25.23 6.50
CA CYS B 16 -2.44 -24.00 5.75
C CYS B 16 -0.96 -23.79 5.41
N ILE B 17 -0.04 -24.04 6.38
CA ILE B 17 1.41 -23.91 6.21
C ILE B 17 1.95 -24.87 5.15
N ILE B 18 1.62 -26.18 5.27
CA ILE B 18 2.08 -27.20 4.33
C ILE B 18 1.59 -26.90 2.92
N THR B 19 0.28 -26.60 2.78
CA THR B 19 -0.35 -26.26 1.50
C THR B 19 0.26 -25.01 0.89
N SER B 20 0.67 -24.05 1.73
CA SER B 20 1.31 -22.82 1.29
C SER B 20 2.66 -23.13 0.68
N LEU B 21 3.36 -24.09 1.28
CA LEU B 21 4.69 -24.52 0.93
C LEU B 21 4.71 -25.43 -0.28
N THR B 22 3.65 -26.24 -0.44
CA THR B 22 3.49 -27.24 -1.50
C THR B 22 2.76 -26.69 -2.75
N GLY B 23 1.75 -25.85 -2.56
CA GLY B 23 0.96 -25.28 -3.65
C GLY B 23 -0.20 -26.14 -4.09
N ARG B 24 -0.28 -27.37 -3.58
CA ARG B 24 -1.32 -28.35 -3.92
C ARG B 24 -2.37 -28.40 -2.81
N ASP B 25 -3.61 -28.02 -3.17
CA ASP B 25 -4.78 -27.93 -2.31
C ASP B 25 -5.88 -28.85 -2.85
N LYS B 26 -5.94 -30.09 -2.32
CA LYS B 26 -6.95 -31.08 -2.73
C LYS B 26 -8.26 -31.01 -1.90
N ASN B 27 -8.47 -29.90 -1.15
CA ASN B 27 -9.69 -29.66 -0.37
C ASN B 27 -10.83 -29.30 -1.31
N GLN B 28 -12.05 -29.71 -0.93
CA GLN B 28 -13.27 -29.43 -1.69
C GLN B 28 -13.60 -27.95 -1.52
N VAL B 29 -13.89 -27.23 -2.63
CA VAL B 29 -14.18 -25.78 -2.57
C VAL B 29 -15.71 -25.52 -2.72
N GLU B 30 -16.23 -24.49 -2.02
CA GLU B 30 -17.64 -24.02 -2.04
C GLU B 30 -17.71 -22.50 -1.66
N GLY B 31 -18.91 -21.91 -1.72
CA GLY B 31 -19.15 -20.52 -1.37
C GLY B 31 -18.56 -19.52 -2.34
N GLU B 32 -18.86 -18.22 -2.12
CA GLU B 32 -18.39 -17.16 -3.01
C GLU B 32 -17.24 -16.36 -2.41
N VAL B 33 -17.20 -16.28 -1.09
CA VAL B 33 -16.17 -15.56 -0.34
C VAL B 33 -15.28 -16.62 0.30
N GLN B 34 -14.02 -16.63 -0.11
CA GLN B 34 -13.00 -17.55 0.37
C GLN B 34 -12.15 -16.90 1.45
N VAL B 35 -12.04 -17.54 2.61
CA VAL B 35 -11.19 -17.07 3.71
C VAL B 35 -9.80 -17.56 3.35
N VAL B 36 -8.94 -16.65 2.97
CA VAL B 36 -7.61 -16.96 2.48
C VAL B 36 -6.56 -16.59 3.49
N SER B 37 -5.47 -17.35 3.51
CA SER B 37 -4.41 -17.14 4.48
C SER B 37 -3.01 -17.49 3.98
N THR B 38 -2.03 -16.89 4.65
CA THR B 38 -0.59 -17.06 4.55
C THR B 38 -0.23 -17.66 5.93
N ALA B 39 1.00 -18.15 6.12
CA ALA B 39 1.45 -18.67 7.41
C ALA B 39 1.41 -17.55 8.50
N THR B 40 1.44 -16.28 8.06
CA THR B 40 1.46 -15.07 8.88
C THR B 40 0.12 -14.29 8.90
N GLN B 41 -0.43 -13.93 7.73
CA GLN B 41 -1.62 -13.09 7.59
C GLN B 41 -2.87 -13.87 7.10
N SER B 42 -4.07 -13.34 7.40
CA SER B 42 -5.33 -13.85 6.89
C SER B 42 -6.27 -12.73 6.44
N PHE B 43 -6.96 -12.93 5.33
CA PHE B 43 -7.83 -11.93 4.73
C PHE B 43 -8.92 -12.65 3.93
N LEU B 44 -9.61 -11.98 3.01
CA LEU B 44 -10.66 -12.64 2.23
C LEU B 44 -10.39 -12.56 0.72
N ALA B 45 -11.08 -13.39 -0.07
CA ALA B 45 -11.01 -13.39 -1.53
C ALA B 45 -12.43 -13.61 -2.06
N THR B 46 -12.92 -12.72 -2.93
CA THR B 46 -14.27 -12.82 -3.47
C THR B 46 -14.24 -13.30 -4.91
N CYS B 47 -15.08 -14.29 -5.24
CA CYS B 47 -15.17 -14.82 -6.60
C CYS B 47 -16.21 -14.06 -7.39
N VAL B 48 -15.77 -13.40 -8.45
CA VAL B 48 -16.62 -12.63 -9.36
C VAL B 48 -16.25 -13.07 -10.77
N ASN B 49 -17.23 -13.63 -11.50
CA ASN B 49 -17.15 -14.13 -12.88
C ASN B 49 -15.94 -15.04 -13.12
N GLY B 50 -15.84 -16.06 -12.28
CA GLY B 50 -14.79 -17.07 -12.34
C GLY B 50 -13.42 -16.61 -11.92
N VAL B 51 -13.34 -15.39 -11.37
CA VAL B 51 -12.08 -14.82 -10.90
C VAL B 51 -12.15 -14.63 -9.39
N CYS B 52 -11.15 -15.15 -8.71
CA CYS B 52 -11.04 -15.05 -7.27
C CYS B 52 -10.20 -13.79 -6.98
N TRP B 53 -10.86 -12.69 -6.59
CA TRP B 53 -10.23 -11.40 -6.35
C TRP B 53 -9.87 -11.15 -4.91
N THR B 54 -8.71 -10.49 -4.69
CA THR B 54 -8.26 -10.08 -3.35
C THR B 54 -7.33 -8.85 -3.43
N VAL B 55 -6.87 -8.39 -2.26
CA VAL B 55 -5.98 -7.25 -2.10
C VAL B 55 -4.52 -7.62 -2.36
N TYR B 56 -3.74 -6.68 -2.89
CA TYR B 56 -2.32 -6.92 -3.13
C TYR B 56 -1.55 -6.89 -1.80
N HIS B 57 -2.00 -6.06 -0.83
CA HIS B 57 -1.30 -5.95 0.45
C HIS B 57 -1.38 -7.22 1.32
N GLY B 58 -2.30 -8.10 0.97
CA GLY B 58 -2.45 -9.39 1.64
C GLY B 58 -1.83 -10.52 0.83
N ALA B 59 -2.20 -10.61 -0.46
CA ALA B 59 -1.74 -11.69 -1.35
C ALA B 59 -0.41 -11.45 -2.06
N GLY B 60 -0.09 -10.21 -2.42
CA GLY B 60 1.13 -9.88 -3.13
C GLY B 60 1.10 -10.49 -4.51
N SER B 61 2.26 -10.98 -4.99
CA SER B 61 2.34 -11.64 -6.29
C SER B 61 2.32 -13.16 -6.07
N LYS B 62 1.90 -13.58 -4.86
CA LYS B 62 1.81 -14.99 -4.51
C LYS B 62 0.77 -15.73 -5.35
N THR B 63 1.06 -17.01 -5.59
CA THR B 63 0.22 -17.92 -6.34
C THR B 63 -0.85 -18.43 -5.35
N LEU B 64 -1.90 -19.13 -5.84
CA LEU B 64 -2.96 -19.62 -4.97
C LEU B 64 -3.00 -21.13 -5.03
N ALA B 65 -3.06 -21.79 -3.85
CA ALA B 65 -3.10 -23.24 -3.69
C ALA B 65 -4.34 -23.87 -4.33
N GLY B 66 -4.11 -24.69 -5.36
CA GLY B 66 -5.17 -25.35 -6.13
C GLY B 66 -5.02 -26.84 -6.32
N PRO B 67 -6.04 -27.50 -6.93
CA PRO B 67 -6.02 -28.98 -7.08
C PRO B 67 -4.98 -29.55 -8.03
N LYS B 68 -4.69 -28.84 -9.12
CA LYS B 68 -3.68 -29.24 -10.10
C LYS B 68 -2.36 -28.46 -9.82
N GLY B 69 -2.27 -27.87 -8.63
CA GLY B 69 -1.10 -27.16 -8.18
C GLY B 69 -1.28 -25.66 -7.98
N PRO B 70 -0.17 -24.89 -7.95
CA PRO B 70 -0.30 -23.44 -7.75
C PRO B 70 -0.94 -22.69 -8.93
N ILE B 71 -2.05 -21.98 -8.66
CA ILE B 71 -2.78 -21.16 -9.61
C ILE B 71 -2.08 -19.80 -9.68
N THR B 72 -1.43 -19.54 -10.81
CA THR B 72 -0.70 -18.30 -11.08
C THR B 72 -1.69 -17.16 -11.26
N GLN B 73 -1.34 -15.96 -10.75
CA GLN B 73 -2.17 -14.77 -10.85
C GLN B 73 -2.53 -14.44 -12.31
N MET B 74 -3.82 -14.26 -12.57
CA MET B 74 -4.39 -13.88 -13.86
C MET B 74 -4.26 -12.37 -14.03
N TYR B 75 -4.42 -11.62 -12.90
CA TYR B 75 -4.38 -10.16 -12.85
C TYR B 75 -3.61 -9.68 -11.65
N THR B 76 -2.75 -8.68 -11.83
CA THR B 76 -1.95 -8.06 -10.77
C THR B 76 -1.91 -6.54 -10.99
N ASN B 77 -2.63 -5.80 -10.15
CA ASN B 77 -2.63 -4.33 -10.19
C ASN B 77 -2.18 -3.81 -8.84
N VAL B 78 -0.88 -3.50 -8.72
CA VAL B 78 -0.27 -3.00 -7.48
C VAL B 78 -0.81 -1.60 -7.17
N ASP B 79 -1.00 -0.77 -8.24
CA ASP B 79 -1.52 0.59 -8.17
C ASP B 79 -2.96 0.63 -7.66
N GLN B 80 -3.77 -0.39 -7.98
CA GLN B 80 -5.14 -0.46 -7.48
C GLN B 80 -5.27 -1.36 -6.23
N ASP B 81 -4.16 -2.02 -5.81
CA ASP B 81 -4.08 -2.96 -4.68
C ASP B 81 -5.06 -4.15 -4.91
N LEU B 82 -5.08 -4.64 -6.16
CA LEU B 82 -5.94 -5.71 -6.62
C LEU B 82 -5.14 -6.85 -7.28
N VAL B 83 -5.52 -8.10 -6.99
CA VAL B 83 -4.97 -9.30 -7.63
C VAL B 83 -6.13 -10.25 -7.95
N GLY B 84 -5.94 -11.12 -8.93
CA GLY B 84 -6.96 -12.09 -9.32
C GLY B 84 -6.42 -13.40 -9.86
N TRP B 85 -7.00 -14.50 -9.41
CA TRP B 85 -6.63 -15.86 -9.87
C TRP B 85 -7.84 -16.49 -10.54
N GLN B 86 -7.60 -17.38 -11.51
CA GLN B 86 -8.67 -18.17 -12.12
C GLN B 86 -9.21 -19.01 -10.92
N ALA B 87 -10.49 -18.80 -10.55
CA ALA B 87 -11.13 -19.46 -9.41
C ALA B 87 -10.96 -20.99 -9.41
N PRO B 88 -10.64 -21.61 -8.24
CA PRO B 88 -10.44 -23.06 -8.21
C PRO B 88 -11.76 -23.82 -8.37
N PRO B 89 -11.76 -25.05 -8.94
CA PRO B 89 -13.04 -25.79 -9.08
C PRO B 89 -13.75 -25.98 -7.75
N GLY B 90 -15.06 -25.73 -7.77
CA GLY B 90 -15.91 -25.79 -6.59
C GLY B 90 -16.31 -24.42 -6.03
N ALA B 91 -15.57 -23.36 -6.40
CA ALA B 91 -15.86 -21.99 -5.96
C ALA B 91 -17.07 -21.44 -6.72
N ARG B 92 -18.16 -21.13 -5.98
CA ARG B 92 -19.35 -20.53 -6.60
C ARG B 92 -19.06 -19.04 -6.82
N SER B 93 -19.56 -18.47 -7.91
CA SER B 93 -19.25 -17.09 -8.25
C SER B 93 -20.35 -16.08 -8.04
N LEU B 94 -19.94 -14.82 -7.80
CA LEU B 94 -20.77 -13.63 -7.61
C LEU B 94 -20.85 -12.94 -8.98
N THR B 95 -21.85 -12.07 -9.16
CA THR B 95 -22.09 -11.36 -10.42
C THR B 95 -21.97 -9.84 -10.20
N PRO B 96 -21.37 -9.06 -11.15
CA PRO B 96 -21.30 -7.60 -10.93
C PRO B 96 -22.66 -6.96 -10.74
N CYS B 97 -22.70 -5.87 -9.96
CA CYS B 97 -23.92 -5.13 -9.68
C CYS B 97 -24.29 -4.23 -10.83
N THR B 98 -25.59 -4.22 -11.15
CA THR B 98 -26.23 -3.45 -12.21
C THR B 98 -27.17 -2.41 -11.59
N CYS B 99 -27.68 -2.69 -10.36
CA CYS B 99 -28.61 -1.91 -9.54
C CYS B 99 -28.39 -0.41 -9.62
N GLY B 100 -27.16 0.00 -9.35
CA GLY B 100 -26.78 1.39 -9.20
C GLY B 100 -27.20 1.88 -7.82
N SER B 101 -27.56 0.93 -6.92
CA SER B 101 -28.03 1.13 -5.55
C SER B 101 -26.91 1.64 -4.63
N SER B 102 -27.24 2.66 -3.82
CA SER B 102 -26.33 3.26 -2.84
C SER B 102 -26.31 2.47 -1.52
N ASP B 103 -27.35 1.63 -1.29
CA ASP B 103 -27.47 0.77 -0.10
C ASP B 103 -26.56 -0.45 -0.28
N LEU B 104 -25.34 -0.36 0.28
CA LEU B 104 -24.31 -1.39 0.21
C LEU B 104 -24.25 -2.23 1.48
N TYR B 105 -23.58 -3.38 1.40
CA TYR B 105 -23.41 -4.32 2.52
C TYR B 105 -22.04 -4.96 2.46
N LEU B 106 -21.22 -4.70 3.47
CA LEU B 106 -19.88 -5.28 3.57
C LEU B 106 -19.95 -6.60 4.33
N VAL B 107 -19.38 -7.65 3.75
CA VAL B 107 -19.33 -9.00 4.33
C VAL B 107 -17.92 -9.17 4.92
N THR B 108 -17.87 -9.48 6.22
CA THR B 108 -16.63 -9.61 6.97
C THR B 108 -16.19 -11.07 7.15
N ARG B 109 -14.95 -11.28 7.61
CA ARG B 109 -14.37 -12.60 7.88
C ARG B 109 -15.12 -13.34 8.98
N HIS B 110 -15.81 -12.64 9.89
CA HIS B 110 -16.61 -13.26 10.95
C HIS B 110 -18.09 -13.37 10.53
N ALA B 111 -18.33 -13.37 9.20
CA ALA B 111 -19.62 -13.49 8.52
C ALA B 111 -20.67 -12.46 8.99
N ASP B 112 -20.24 -11.20 9.20
CA ASP B 112 -21.16 -10.14 9.58
C ASP B 112 -21.50 -9.33 8.34
N VAL B 113 -22.80 -9.06 8.12
CA VAL B 113 -23.26 -8.28 6.98
C VAL B 113 -23.51 -6.81 7.43
N ILE B 114 -22.44 -6.00 7.35
CA ILE B 114 -22.36 -4.60 7.78
C ILE B 114 -22.97 -3.63 6.77
N PRO B 115 -24.07 -2.89 7.09
CA PRO B 115 -24.62 -1.95 6.09
C PRO B 115 -23.75 -0.72 5.85
N VAL B 116 -23.41 -0.51 4.58
CA VAL B 116 -22.60 0.60 4.06
C VAL B 116 -23.49 1.45 3.12
N ARG B 117 -23.22 2.76 3.02
CA ARG B 117 -23.96 3.66 2.15
C ARG B 117 -22.97 4.30 1.19
N ARG B 118 -23.02 3.90 -0.11
CA ARG B 118 -22.12 4.39 -1.16
C ARG B 118 -22.08 5.92 -1.20
N ARG B 119 -20.87 6.49 -1.08
CA ARG B 119 -20.66 7.94 -1.09
C ARG B 119 -19.55 8.36 -2.07
N GLY B 120 -19.48 7.64 -3.20
CA GLY B 120 -18.52 7.84 -4.27
C GLY B 120 -18.23 6.56 -5.02
N ASP B 121 -17.30 6.62 -5.98
CA ASP B 121 -16.89 5.46 -6.78
C ASP B 121 -16.23 4.36 -5.92
N SER B 122 -15.25 4.73 -5.07
CA SER B 122 -14.48 3.83 -4.20
C SER B 122 -14.77 3.96 -2.70
N ARG B 123 -15.70 4.85 -2.32
CA ARG B 123 -16.01 5.07 -0.91
C ARG B 123 -17.45 4.72 -0.55
N GLY B 124 -17.65 4.42 0.72
CA GLY B 124 -18.94 4.10 1.29
C GLY B 124 -18.92 4.29 2.79
N SER B 125 -19.88 5.05 3.31
CA SER B 125 -19.98 5.34 4.74
C SER B 125 -20.58 4.20 5.55
N LEU B 126 -20.12 4.03 6.78
CA LEU B 126 -20.62 3.02 7.70
C LEU B 126 -21.82 3.62 8.44
N LEU B 127 -22.99 2.94 8.37
CA LEU B 127 -24.24 3.36 9.03
C LEU B 127 -24.08 3.39 10.56
N SER B 128 -23.25 2.47 11.08
CA SER B 128 -22.89 2.37 12.49
C SER B 128 -21.37 2.18 12.53
N PRO B 129 -20.60 3.22 12.95
CA PRO B 129 -19.13 3.08 12.97
C PRO B 129 -18.61 1.94 13.82
N ARG B 130 -17.66 1.19 13.27
CA ARG B 130 -17.04 0.03 13.89
C ARG B 130 -15.54 0.28 14.15
N PRO B 131 -14.90 -0.45 15.10
CA PRO B 131 -13.45 -0.25 15.30
C PRO B 131 -12.68 -0.87 14.12
N VAL B 132 -11.48 -0.31 13.80
CA VAL B 132 -10.65 -0.83 12.70
C VAL B 132 -10.22 -2.30 12.96
N SER B 133 -10.13 -2.72 14.25
CA SER B 133 -9.79 -4.10 14.62
C SER B 133 -10.91 -5.07 14.22
N TYR B 134 -12.17 -4.60 14.23
CA TYR B 134 -13.35 -5.38 13.84
C TYR B 134 -13.32 -5.65 12.33
N LEU B 135 -12.73 -4.72 11.56
CA LEU B 135 -12.60 -4.82 10.11
C LEU B 135 -11.27 -5.43 9.67
N LYS B 136 -10.28 -5.51 10.56
CA LYS B 136 -8.99 -6.12 10.24
C LYS B 136 -9.18 -7.55 9.70
N GLY B 137 -8.47 -7.85 8.62
CA GLY B 137 -8.51 -9.16 7.98
C GLY B 137 -9.75 -9.44 7.15
N SER B 138 -10.50 -8.37 6.76
CA SER B 138 -11.70 -8.48 5.94
C SER B 138 -11.48 -7.86 4.55
N SER B 139 -10.22 -7.47 4.26
CA SER B 139 -9.80 -6.95 2.96
C SER B 139 -9.96 -8.08 1.95
N GLY B 140 -10.50 -7.75 0.78
CA GLY B 140 -10.82 -8.71 -0.26
C GLY B 140 -12.26 -9.20 -0.09
N GLY B 141 -12.88 -8.80 1.02
CA GLY B 141 -14.27 -9.10 1.34
C GLY B 141 -15.21 -8.31 0.45
N PRO B 142 -16.42 -8.82 0.18
CA PRO B 142 -17.28 -8.12 -0.76
C PRO B 142 -18.18 -7.01 -0.22
N LEU B 143 -18.46 -6.04 -1.09
CA LEU B 143 -19.43 -4.98 -0.88
C LEU B 143 -20.55 -5.32 -1.84
N LEU B 144 -21.66 -5.76 -1.27
CA LEU B 144 -22.83 -6.28 -1.97
C LEU B 144 -23.95 -5.26 -2.02
N CYS B 145 -24.74 -5.29 -3.10
CA CYS B 145 -25.93 -4.45 -3.29
C CYS B 145 -27.08 -5.19 -2.55
N PRO B 146 -28.33 -4.64 -2.43
CA PRO B 146 -29.40 -5.39 -1.73
C PRO B 146 -29.76 -6.74 -2.36
N SER B 147 -29.42 -6.93 -3.66
CA SER B 147 -29.69 -8.14 -4.43
C SER B 147 -28.59 -9.19 -4.29
N GLY B 148 -27.50 -8.84 -3.62
CA GLY B 148 -26.37 -9.76 -3.41
C GLY B 148 -25.41 -9.83 -4.58
N HIS B 149 -25.28 -8.73 -5.35
CA HIS B 149 -24.37 -8.67 -6.47
C HIS B 149 -23.16 -7.82 -6.09
N ALA B 150 -22.00 -8.17 -6.63
CA ALA B 150 -20.72 -7.51 -6.35
C ALA B 150 -20.64 -6.05 -6.81
N VAL B 151 -20.42 -5.12 -5.85
CA VAL B 151 -20.28 -3.67 -6.06
C VAL B 151 -18.77 -3.34 -6.06
N GLY B 152 -18.03 -4.05 -5.21
CA GLY B 152 -16.57 -3.90 -5.10
C GLY B 152 -15.97 -4.92 -4.16
N ILE B 153 -14.68 -4.72 -3.81
CA ILE B 153 -13.98 -5.54 -2.80
C ILE B 153 -13.30 -4.60 -1.81
N PHE B 154 -13.49 -4.84 -0.49
CA PHE B 154 -12.97 -4.05 0.63
C PHE B 154 -11.45 -3.96 0.61
N ARG B 155 -10.92 -2.74 0.56
CA ARG B 155 -9.49 -2.47 0.43
C ARG B 155 -8.83 -1.86 1.67
N ALA B 156 -9.39 -0.73 2.15
CA ALA B 156 -8.83 0.03 3.26
C ALA B 156 -9.93 0.66 4.11
N ALA B 157 -9.61 1.03 5.35
CA ALA B 157 -10.57 1.67 6.25
C ALA B 157 -10.31 3.15 6.38
N VAL B 158 -11.38 3.96 6.31
CA VAL B 158 -11.33 5.41 6.46
C VAL B 158 -11.69 5.70 7.91
N CYS B 159 -10.69 5.91 8.75
CA CYS B 159 -10.89 6.07 10.18
C CYS B 159 -10.31 7.34 10.77
N THR B 160 -10.77 7.68 11.98
CA THR B 160 -10.28 8.80 12.77
C THR B 160 -9.97 8.23 14.14
N ARG B 161 -8.67 8.06 14.41
CA ARG B 161 -8.05 7.57 15.65
C ARG B 161 -8.67 6.27 16.19
N GLY B 162 -8.67 5.24 15.36
CA GLY B 162 -9.11 3.89 15.71
C GLY B 162 -10.53 3.49 15.41
N VAL B 163 -11.43 4.45 15.12
CA VAL B 163 -12.82 4.13 14.81
C VAL B 163 -13.08 4.37 13.32
N ALA B 164 -13.39 3.29 12.59
CA ALA B 164 -13.68 3.35 11.14
C ALA B 164 -15.07 3.91 10.90
N LYS B 165 -15.13 5.06 10.22
CA LYS B 165 -16.39 5.73 9.91
C LYS B 165 -16.88 5.44 8.46
N ALA B 166 -15.97 4.96 7.60
CA ALA B 166 -16.23 4.62 6.20
C ALA B 166 -15.27 3.54 5.70
N VAL B 167 -15.56 2.97 4.52
CA VAL B 167 -14.75 1.94 3.86
C VAL B 167 -14.32 2.34 2.46
N ASP B 168 -13.06 2.03 2.12
CA ASP B 168 -12.47 2.24 0.81
C ASP B 168 -12.39 0.88 0.12
N PHE B 169 -12.96 0.79 -1.08
CA PHE B 169 -13.03 -0.46 -1.84
C PHE B 169 -12.66 -0.30 -3.31
N VAL B 170 -12.30 -1.40 -3.98
CA VAL B 170 -12.02 -1.40 -5.42
C VAL B 170 -13.35 -1.70 -6.12
N PRO B 171 -13.94 -0.75 -6.87
CA PRO B 171 -15.21 -1.04 -7.58
C PRO B 171 -15.05 -2.11 -8.67
N VAL B 172 -16.16 -2.82 -8.99
CA VAL B 172 -16.21 -3.87 -10.01
C VAL B 172 -15.75 -3.40 -11.39
N GLU B 173 -16.02 -2.12 -11.74
CA GLU B 173 -15.64 -1.50 -13.01
C GLU B 173 -14.12 -1.30 -13.15
N SER B 174 -13.42 -1.17 -12.00
CA SER B 174 -11.97 -1.03 -11.97
C SER B 174 -11.35 -2.41 -12.20
N MET B 175 -12.05 -3.47 -11.77
CA MET B 175 -11.67 -4.86 -11.97
C MET B 175 -11.99 -5.21 -13.41
N GLU B 176 -13.07 -4.60 -13.96
CA GLU B 176 -13.53 -4.77 -15.35
C GLU B 176 -12.53 -4.10 -16.32
N THR B 177 -11.89 -2.99 -15.87
CA THR B 177 -10.83 -2.27 -16.59
C THR B 177 -9.57 -3.17 -16.65
N THR B 178 -9.27 -3.86 -15.54
CA THR B 178 -8.18 -4.84 -15.35
C THR B 178 -8.31 -6.03 -16.33
N MET B 179 -9.53 -6.56 -16.46
CA MET B 179 -9.86 -7.69 -17.33
C MET B 179 -9.79 -7.35 -18.84
N GLY C 1 -2.49 17.00 12.83
CA GLY C 1 -1.12 17.50 12.82
C GLY C 1 -0.47 17.56 11.44
N SER C 2 0.78 18.05 11.36
CA SER C 2 1.50 18.20 10.09
C SER C 2 2.83 17.42 10.08
N VAL C 3 3.30 17.05 8.89
CA VAL C 3 4.60 16.37 8.71
C VAL C 3 5.68 17.44 8.99
N VAL C 4 6.68 17.12 9.82
CA VAL C 4 7.70 18.07 10.28
C VAL C 4 9.09 17.69 9.82
N ILE C 5 9.88 18.69 9.38
CA ILE C 5 11.28 18.46 9.02
C ILE C 5 12.08 18.45 10.34
N VAL C 6 12.77 17.32 10.60
CA VAL C 6 13.51 17.03 11.84
C VAL C 6 15.00 16.74 11.55
N GLY C 7 15.38 16.82 10.27
CA GLY C 7 16.74 16.57 9.84
C GLY C 7 16.90 16.67 8.35
N ARG C 8 18.14 16.50 7.86
CA ARG C 8 18.49 16.61 6.44
C ARG C 8 19.60 15.64 6.08
N ILE C 9 19.65 15.27 4.79
CA ILE C 9 20.72 14.47 4.20
C ILE C 9 21.34 15.39 3.13
N ILE C 10 22.61 15.74 3.29
CA ILE C 10 23.30 16.60 2.33
C ILE C 10 24.10 15.70 1.39
N LEU C 11 23.86 15.87 0.08
CA LEU C 11 24.52 15.08 -0.97
C LEU C 11 25.69 15.82 -1.61
N SER C 12 26.79 15.10 -1.88
CA SER C 12 28.03 15.64 -2.47
C SER C 12 27.88 15.98 -3.96
N GLY D 1 6.08 -18.87 -1.43
CA GLY D 1 4.89 -19.53 -0.88
C GLY D 1 3.61 -19.19 -1.62
N SER D 2 2.50 -19.88 -1.28
CA SER D 2 1.18 -19.69 -1.93
C SER D 2 0.10 -19.28 -0.93
N VAL D 3 -0.87 -18.50 -1.39
CA VAL D 3 -2.02 -18.10 -0.58
C VAL D 3 -2.92 -19.35 -0.51
N VAL D 4 -3.39 -19.70 0.72
CA VAL D 4 -4.18 -20.91 0.96
C VAL D 4 -5.58 -20.61 1.41
N ILE D 5 -6.57 -21.34 0.86
CA ILE D 5 -7.97 -21.21 1.28
C ILE D 5 -8.11 -22.05 2.56
N VAL D 6 -8.54 -21.39 3.64
CA VAL D 6 -8.65 -21.94 5.00
C VAL D 6 -10.10 -21.84 5.55
N GLY D 7 -11.01 -21.38 4.71
CA GLY D 7 -12.41 -21.24 5.08
C GLY D 7 -13.24 -20.61 3.99
N ARG D 8 -14.54 -20.45 4.27
CA ARG D 8 -15.53 -19.89 3.33
C ARG D 8 -16.61 -19.13 4.08
N ILE D 9 -17.25 -18.19 3.38
CA ILE D 9 -18.41 -17.45 3.87
C ILE D 9 -19.51 -17.81 2.86
N ILE D 10 -20.59 -18.42 3.34
CA ILE D 10 -21.72 -18.79 2.49
C ILE D 10 -22.79 -17.71 2.61
N LEU D 11 -23.20 -17.14 1.46
CA LEU D 11 -24.17 -16.06 1.39
C LEU D 11 -25.57 -16.56 1.01
N SER D 12 -26.62 -15.98 1.65
CA SER D 12 -28.03 -16.35 1.41
C SER D 12 -28.56 -15.86 0.05
ZN ZN E . 20.78 10.10 -14.78
C24 1RR F . 6.24 -4.63 0.16
N30 1RR F . 6.90 -4.94 -1.00
O31 1RR F . 5.02 -4.59 0.30
C35 1RR F . 6.27 -5.16 -2.32
C40 1RR F . 5.46 -3.95 -2.76
C41 1RR F . 7.43 -5.38 -3.30
C42 1RR F . 5.39 -6.41 -2.29
N21 1RR F . 7.13 -4.46 1.18
C18 1RR F . 6.71 -4.07 2.51
C22 1RR F . 7.40 -4.79 3.71
C25 1RR F . 6.95 -6.25 3.74
C26 1RR F . 7.01 -4.13 5.02
C27 1RR F . 8.93 -4.77 3.58
C16 1RR F . 6.97 -2.52 2.49
O19 1RR F . 8.11 -2.10 2.34
C7 1RR F . 7.22 0.13 3.60
C15 1RR F . 4.51 -2.09 2.80
C17 1RR F . 3.78 -0.77 2.55
C28 1RR F . 2.88 0.26 -0.90
C11 1RR F . 6.08 -0.23 2.65
O12 1RR F . 7.25 -0.31 4.75
N13 1RR F . 5.91 -1.69 2.62
C14 1RR F . 4.72 0.26 3.16
O20 1RR F . 3.74 -0.58 1.11
C23 1RR F . 2.76 0.19 0.50
C29 1RR F . 1.73 0.85 1.13
C32 1RR F . 1.91 1.02 -1.61
C33 1RR F . 3.86 -0.46 -1.66
C34 1RR F . 0.83 1.62 0.38
N36 1RR F . 0.92 1.71 -0.95
C37 1RR F . 1.91 1.02 -3.02
C38 1RR F . 3.84 -0.44 -3.01
C39 1RR F . -0.27 2.35 1.03
C43 1RR F . 2.87 0.29 -3.69
C44 1RR F . -1.12 3.19 0.29
C45 1RR F . -0.51 2.25 2.40
O46 1RR F . 3.00 0.19 -5.05
C47 1RR F . -2.13 3.90 0.90
C48 1RR F . -1.53 2.97 3.01
C49 1RR F . 2.05 0.88 -5.88
C50 1RR F . -2.34 3.80 2.27
N4 1RR F . 8.24 0.81 3.04
C1 1RR F . 9.48 1.07 3.74
C2 1RR F . 10.51 -0.05 3.64
C3 1RR F . 10.61 1.18 2.77
C6 1RR F . 11.57 -0.27 4.67
C10 1RR F . 12.12 -1.43 4.92
C5 1RR F . 9.47 2.22 4.83
O8 1RR F . 10.58 2.66 5.22
O9 1RR F . 8.35 2.63 5.21
S SO4 G . 12.44 24.10 17.26
O1 SO4 G . 12.73 24.39 18.65
O2 SO4 G . 11.55 25.15 16.75
O3 SO4 G . 13.69 24.03 16.48
O4 SO4 G . 11.77 22.82 17.25
S SO4 H . 7.61 33.11 15.03
O1 SO4 H . 8.86 33.76 14.62
O2 SO4 H . 7.48 33.18 16.47
O3 SO4 H . 7.60 31.71 14.58
O4 SO4 H . 6.48 33.81 14.43
ZN ZN I . -26.86 -4.44 -7.79
C24 1RR J . -6.01 3.60 4.92
N30 1RR J . -7.03 4.40 4.51
O31 1RR J . -4.87 3.58 4.43
C35 1RR J . -7.02 5.33 3.34
C40 1RR J . -6.41 4.66 2.11
C41 1RR J . -8.47 5.70 3.06
C42 1RR J . -6.22 6.59 3.69
N21 1RR J . -6.37 2.86 6.00
C18 1RR J . -5.46 1.89 6.60
C22 1RR J . -5.55 1.83 8.17
C25 1RR J . -4.93 3.09 8.77
C26 1RR J . -4.78 0.62 8.68
C27 1RR J . -7.01 1.72 8.64
C16 1RR J . -5.78 0.52 5.88
O19 1RR J . -6.91 0.05 5.92
C7 1RR J . -5.62 -2.39 5.42
C15 1RR J . -3.40 0.37 5.08
C17 1RR J . -2.92 -0.42 3.88
C28 1RR J . -3.71 0.65 0.38
C11 1RR J . -4.97 -1.38 4.50
O12 1RR J . -5.09 -2.71 6.48
N13 1RR J . -4.78 -0.09 5.21
C14 1RR J . -3.55 -1.78 4.10
O20 1RR J . -3.53 0.19 2.69
C23 1RR J . -3.01 -0.01 1.43
C29 1RR J . -1.91 -0.79 1.12
C32 1RR J . -3.23 0.44 -0.94
C33 1RR J . -4.85 1.46 0.57
C34 1RR J . -1.51 -0.96 -0.20
N36 1RR J . -2.15 -0.37 -1.22
C37 1RR J . -3.89 1.07 -2.02
C38 1RR J . -5.48 2.04 -0.49
C39 1RR J . -0.33 -1.79 -0.55
C43 1RR J . -4.99 1.85 -1.78
C44 1RR J . 0.03 -1.99 -1.87
C45 1RR J . 0.47 -2.33 0.46
O46 1RR J . -5.72 2.50 -2.75
C47 1RR J . 1.16 -2.74 -2.19
C48 1RR J . 1.60 -3.07 0.13
C49 1RR J . -5.27 2.38 -4.11
C50 1RR J . 1.95 -3.27 -1.20
N4 1RR J . -6.83 -2.82 5.03
C1 1RR J . -7.67 -3.68 5.82
C2 1RR J . -8.69 -2.88 6.61
C3 1RR J . -9.11 -3.64 5.39
C6 1RR J . -9.10 -3.30 7.99
C10 1RR J . -9.35 -2.45 8.95
C5 1RR J . -7.19 -5.14 6.04
O8 1RR J . -8.05 -5.94 6.47
O9 1RR J . -6.02 -5.42 5.72
S SO4 K . 0.18 -34.13 -1.35
O1 SO4 K . -0.41 -34.09 -0.02
O2 SO4 K . -0.04 -32.84 -1.99
O3 SO4 K . 1.62 -34.40 -1.24
O4 SO4 K . -0.48 -35.20 -2.13
S SO4 L . -17.48 -29.40 1.17
O1 SO4 L . -17.02 -28.37 0.25
O2 SO4 L . -18.12 -28.78 2.34
O3 SO4 L . -16.33 -30.20 1.61
O4 SO4 L . -18.47 -30.24 0.50
#